data_7TZZ
#
_entry.id   7TZZ
#
_cell.length_a   179.558
_cell.length_b   179.558
_cell.length_c   184.839
_cell.angle_alpha   90.000
_cell.angle_beta   90.000
_cell.angle_gamma   120.000
#
_symmetry.space_group_name_H-M   'P 64 2 2'
#
loop_
_entity.id
_entity.type
_entity.pdbx_description
1 polymer 'Acetolactate synthase, chloroplastic'
2 non-polymer 'MAGNESIUM ION'
3 non-polymer 'FLAVIN-ADENINE DINUCLEOTIDE'
4 non-polymer '2,6-bis[(4,6-dimethoxypyrimidin-2-yl)oxy]benzoic acid'
5 non-polymer '2-[3-[(4-azanyl-2-methyl-pyrimidin-5-yl)methyl]-2-[(1~{S})-1-(dioxidanyl)-1-oxidanyl-ethyl]-4-methyl-1,3-thiazol-5-yl]ethyl phosphono hydrogen phosphate'
6 non-polymer 'PHOSPHATE ION'
7 non-polymer '2-[N-CYCLOHEXYLAMINO]ETHANE SULFONIC ACID'
8 non-polymer 'SULFATE ION'
9 water water
#
_entity_poly.entity_id   1
_entity_poly.type   'polypeptide(L)'
_entity_poly.pdbx_seq_one_letter_code
;TFISRFAPDQPRKGADILVEALERQGVETVFAYPGGASMEIHQALTRSSSIRNVLPRHEQGGVFAAEGYARSSGKPGICI
ATSGPGATNLVSGLADALLDSVPLVAITGQVTRRMIGTDAFQETPIVEVTRSITKHNYLVMDVEDIPRIIEEAFFLATSG
RPGPVLVDVPKDIQQQLAIPNWEQAMRLPGYMSRMPKPPEDSHLEQIVRLISESKKPVLYVGGGCLNSSDELGRFVELTG
IPVASTLMGLGSYP(CSD)DDELSLHMLGMHGTVYANYAVEHSDLLLAFGVRFDDRVTGKLEAFASRAKIVHIDIDSAEI
GKNKTPHVSVCGDVKLALQGMNKVLENRAEELKLDFGVWRNELNVQKQKFPLSFKTFGEAIPPQYAIKVLDELTDGKAII
STGVGQHQMWAAQFYNYKKPRQWLSSGGLGAMGFGLPAAIGASVANPDAIVVDIDGDGSFIMNVQELATIRVENLPVKVL
LLNNQHLGMVMQWEDRFYKANRAHTFLGDPAQEDEIFPNMLLFAAACGIPAARVTKKADLREAIQTMLDTPGPYLLDVIC
PHQEHVLPMIPSGGTFNDVITEGDGR
;
_entity_poly.pdbx_strand_id   A
#
# COMPACT_ATOMS: atom_id res chain seq x y z
N THR A 1 -17.33 27.88 -3.94
CA THR A 1 -17.18 28.94 -2.96
C THR A 1 -17.46 28.39 -1.56
N PHE A 2 -16.47 28.53 -0.69
CA PHE A 2 -16.50 27.89 0.62
C PHE A 2 -17.25 28.79 1.60
N ILE A 3 -18.02 28.16 2.48
CA ILE A 3 -18.81 28.86 3.48
C ILE A 3 -18.28 28.48 4.85
N SER A 4 -17.65 29.45 5.55
CA SER A 4 -17.17 29.18 6.90
C SER A 4 -18.38 29.10 7.83
N ARG A 5 -18.20 28.45 8.97
CA ARG A 5 -19.22 28.51 10.01
C ARG A 5 -19.01 29.72 10.93
N PHE A 6 -18.05 30.58 10.60
CA PHE A 6 -17.67 31.70 11.46
C PHE A 6 -17.69 32.98 10.64
N ALA A 7 -18.03 34.09 11.29
CA ALA A 7 -17.97 35.37 10.60
C ALA A 7 -16.51 35.71 10.30
N PRO A 8 -16.24 36.32 9.15
CA PRO A 8 -14.84 36.50 8.72
C PRO A 8 -14.08 37.53 9.53
N ASP A 9 -14.78 38.23 10.41
CA ASP A 9 -14.21 39.13 11.40
C ASP A 9 -14.33 38.58 12.82
N GLN A 10 -14.67 37.30 12.97
CA GLN A 10 -14.92 36.73 14.28
C GLN A 10 -13.77 35.84 14.73
N PRO A 11 -13.15 36.13 15.85
CA PRO A 11 -12.09 35.26 16.36
C PRO A 11 -12.67 33.93 16.80
N ARG A 12 -11.90 32.88 16.55
CA ARG A 12 -12.27 31.56 17.02
C ARG A 12 -10.99 30.83 17.41
N LYS A 13 -11.15 29.75 18.14
CA LYS A 13 -10.01 28.95 18.61
C LYS A 13 -9.16 28.47 17.46
N GLY A 14 -7.84 28.35 17.74
CA GLY A 14 -6.95 27.68 16.80
C GLY A 14 -7.43 26.30 16.40
N ALA A 15 -8.03 25.59 17.33
CA ALA A 15 -8.58 24.27 17.01
C ALA A 15 -9.63 24.42 15.91
N ASP A 16 -10.45 25.45 15.99
CA ASP A 16 -11.51 25.66 14.98
C ASP A 16 -10.89 26.12 13.68
N ILE A 17 -9.77 26.82 13.74
CA ILE A 17 -9.13 27.27 12.48
C ILE A 17 -8.54 26.03 11.81
N LEU A 18 -7.98 25.14 12.61
CA LEU A 18 -7.38 23.88 12.12
C LEU A 18 -8.46 23.04 11.46
N VAL A 19 -9.63 22.94 12.06
CA VAL A 19 -10.68 22.09 11.43
C VAL A 19 -11.17 22.75 10.15
N GLU A 20 -11.40 24.05 10.16
CA GLU A 20 -11.82 24.69 8.92
C GLU A 20 -10.75 24.60 7.86
N ALA A 21 -9.46 24.58 8.25
CA ALA A 21 -8.41 24.39 7.25
C ALA A 21 -8.55 23.03 6.56
N LEU A 22 -8.95 22.01 7.32
CA LEU A 22 -9.20 20.69 6.76
C LEU A 22 -10.41 20.72 5.82
N GLU A 23 -11.55 21.28 6.28
CA GLU A 23 -12.71 21.50 5.40
C GLU A 23 -12.31 22.18 4.09
N ARG A 24 -11.53 23.26 4.19
CA ARG A 24 -11.11 23.95 2.97
C ARG A 24 -10.23 23.08 2.07
N GLN A 25 -9.59 22.02 2.59
CA GLN A 25 -8.86 21.11 1.73
C GLN A 25 -9.75 20.04 1.11
N GLY A 26 -11.03 20.02 1.44
CA GLY A 26 -11.88 18.95 0.97
C GLY A 26 -11.91 17.71 1.84
N VAL A 27 -11.40 17.78 3.07
CA VAL A 27 -11.37 16.60 3.92
C VAL A 27 -12.79 16.23 4.29
N GLU A 28 -13.14 14.95 4.14
CA GLU A 28 -14.43 14.46 4.60
C GLU A 28 -14.34 13.50 5.77
N THR A 29 -13.22 12.77 5.90
CA THR A 29 -13.12 11.75 6.93
C THR A 29 -11.76 11.88 7.58
N VAL A 30 -11.74 11.77 8.91
CA VAL A 30 -10.50 11.71 9.68
C VAL A 30 -10.58 10.49 10.58
N PHE A 31 -9.41 10.01 11.03
CA PHE A 31 -9.31 8.90 11.99
C PHE A 31 -8.61 9.46 13.22
N ALA A 32 -9.38 9.69 14.27
CA ALA A 32 -8.92 10.50 15.38
C ALA A 32 -9.28 9.83 16.66
N TYR A 33 -8.27 9.63 17.52
CA TYR A 33 -8.45 9.08 18.86
C TYR A 33 -8.14 10.18 19.89
N PRO A 34 -9.07 10.56 20.75
CA PRO A 34 -8.86 11.76 21.57
C PRO A 34 -7.95 11.53 22.77
N GLY A 35 -7.25 12.60 23.15
CA GLY A 35 -6.63 12.72 24.46
C GLY A 35 -6.57 14.17 24.92
N GLY A 36 -6.00 14.35 26.12
CA GLY A 36 -5.92 15.68 26.72
C GLY A 36 -5.38 16.75 25.79
N ALA A 37 -4.26 16.47 25.11
CA ALA A 37 -3.63 17.50 24.30
C ALA A 37 -4.32 17.71 22.95
N SER A 38 -5.28 16.86 22.56
CA SER A 38 -6.06 17.09 21.34
C SER A 38 -7.56 17.30 21.56
N MET A 39 -8.02 17.34 22.83
CA MET A 39 -9.44 17.56 23.13
C MET A 39 -10.03 18.75 22.37
N GLU A 40 -9.30 19.86 22.34
CA GLU A 40 -9.79 21.05 21.66
C GLU A 40 -10.06 20.73 20.20
N ILE A 41 -9.18 19.93 19.59
CA ILE A 41 -9.38 19.59 18.18
C ILE A 41 -10.62 18.70 18.02
N HIS A 42 -10.84 17.79 18.98
CA HIS A 42 -12.02 16.94 18.93
C HIS A 42 -13.29 17.75 19.15
N GLN A 43 -13.28 18.70 20.09
CA GLN A 43 -14.42 19.59 20.26
C GLN A 43 -14.74 20.31 18.96
N ALA A 44 -13.72 20.88 18.31
CA ALA A 44 -13.92 21.57 17.05
C ALA A 44 -14.46 20.64 15.96
N LEU A 45 -14.09 19.37 16.01
CA LEU A 45 -14.56 18.43 14.99
C LEU A 45 -16.07 18.22 15.10
N THR A 46 -16.60 18.08 16.33
CA THR A 46 -18.03 17.97 16.51
C THR A 46 -18.78 19.20 15.97
N ARG A 47 -18.13 20.36 15.87
CA ARG A 47 -18.80 21.54 15.31
C ARG A 47 -18.84 21.53 13.79
N SER A 48 -18.08 20.65 13.15
CA SER A 48 -18.09 20.52 11.69
C SER A 48 -19.24 19.64 11.25
N SER A 49 -19.99 20.10 10.26
CA SER A 49 -21.01 19.24 9.67
C SER A 49 -20.49 18.41 8.51
N SER A 50 -19.37 18.81 7.89
CA SER A 50 -18.86 18.10 6.75
C SER A 50 -17.76 17.07 7.05
N ILE A 51 -17.16 17.05 8.24
CA ILE A 51 -16.09 16.08 8.52
C ILE A 51 -16.61 15.03 9.47
N ARG A 52 -16.49 13.75 9.06
CA ARG A 52 -16.81 12.61 9.89
C ARG A 52 -15.54 12.08 10.55
N ASN A 53 -15.64 11.72 11.84
CA ASN A 53 -14.55 11.02 12.51
C ASN A 53 -14.85 9.54 12.64
N VAL A 54 -13.86 8.71 12.29
CA VAL A 54 -13.92 7.28 12.58
C VAL A 54 -12.96 7.05 13.73
N LEU A 55 -13.51 6.81 14.92
CA LEU A 55 -12.76 6.52 16.13
C LEU A 55 -12.18 5.10 16.10
N PRO A 56 -10.87 4.96 15.97
CA PRO A 56 -10.25 3.62 16.06
C PRO A 56 -10.14 3.21 17.52
N ARG A 57 -9.58 2.02 17.76
CA ARG A 57 -9.39 1.59 19.13
C ARG A 57 -7.92 1.65 19.53
N HIS A 58 -7.05 2.05 18.61
CA HIS A 58 -5.62 2.22 18.85
C HIS A 58 -5.12 3.16 17.76
N GLU A 59 -4.26 4.13 18.12
CA GLU A 59 -3.77 5.08 17.11
C GLU A 59 -3.04 4.37 15.97
N GLN A 60 -2.42 3.21 16.24
CA GLN A 60 -1.86 2.47 15.12
C GLN A 60 -2.95 2.03 14.18
N GLY A 61 -4.11 1.63 14.73
CA GLY A 61 -5.27 1.40 13.89
C GLY A 61 -5.71 2.63 13.12
N GLY A 62 -5.72 3.78 13.79
CA GLY A 62 -6.08 5.02 13.10
C GLY A 62 -5.17 5.33 11.92
N VAL A 63 -3.85 5.22 12.12
CA VAL A 63 -2.94 5.59 11.02
C VAL A 63 -2.99 4.54 9.91
N PHE A 64 -3.08 3.24 10.25
CA PHE A 64 -3.20 2.23 9.19
C PHE A 64 -4.53 2.38 8.43
N ALA A 65 -5.62 2.78 9.12
CA ALA A 65 -6.88 3.10 8.41
C ALA A 65 -6.69 4.29 7.47
N ALA A 66 -6.04 5.35 7.96
CA ALA A 66 -5.75 6.49 7.09
C ALA A 66 -5.00 6.03 5.84
N GLU A 67 -4.07 5.08 5.99
CA GLU A 67 -3.34 4.58 4.82
C GLU A 67 -4.27 3.81 3.88
N GLY A 68 -5.10 2.91 4.44
CA GLY A 68 -6.08 2.23 3.63
C GLY A 68 -6.94 3.20 2.85
N TYR A 69 -7.49 4.21 3.55
CA TYR A 69 -8.24 5.27 2.90
C TYR A 69 -7.48 5.87 1.73
N ALA A 70 -6.17 6.16 1.92
CA ALA A 70 -5.40 6.81 0.86
C ALA A 70 -5.11 5.85 -0.28
N ARG A 71 -4.62 4.65 0.05
CA ARG A 71 -4.24 3.71 -1.01
C ARG A 71 -5.44 3.29 -1.84
N SER A 72 -6.62 3.21 -1.23
CA SER A 72 -7.80 2.77 -1.95
C SER A 72 -8.51 3.90 -2.70
N SER A 73 -8.02 5.13 -2.68
CA SER A 73 -8.78 6.25 -3.21
C SER A 73 -7.93 7.29 -3.91
N GLY A 74 -6.63 7.33 -3.69
CA GLY A 74 -5.82 8.37 -4.29
C GLY A 74 -5.91 9.72 -3.62
N LYS A 75 -6.67 9.85 -2.52
CA LYS A 75 -6.79 11.02 -1.66
C LYS A 75 -5.83 10.91 -0.48
N PRO A 76 -5.46 12.02 0.16
CA PRO A 76 -4.66 11.90 1.38
C PRO A 76 -5.50 11.29 2.50
N GLY A 77 -4.87 10.42 3.30
CA GLY A 77 -5.49 9.95 4.54
C GLY A 77 -5.12 10.84 5.72
N ILE A 78 -6.10 11.11 6.57
CA ILE A 78 -5.90 12.05 7.67
C ILE A 78 -6.08 11.33 9.00
N CYS A 79 -5.04 11.34 9.83
CA CYS A 79 -5.15 10.81 11.17
CA CYS A 79 -5.10 10.79 11.17
C CYS A 79 -4.79 11.88 12.18
N ILE A 80 -5.41 11.81 13.35
CA ILE A 80 -5.21 12.77 14.42
C ILE A 80 -4.99 12.02 15.73
N ALA A 81 -4.02 12.49 16.53
CA ALA A 81 -3.71 11.80 17.77
C ALA A 81 -3.34 12.82 18.84
N THR A 82 -3.50 12.41 20.09
CA THR A 82 -3.05 13.28 21.16
C THR A 82 -1.52 13.28 21.26
N SER A 83 -1.00 14.03 22.23
CA SER A 83 0.43 14.11 22.43
C SER A 83 0.97 12.79 22.98
N GLY A 84 2.29 12.73 23.19
CA GLY A 84 2.92 11.64 23.90
C GLY A 84 2.65 10.27 23.31
N PRO A 85 1.95 9.44 24.07
CA PRO A 85 1.70 8.06 23.59
C PRO A 85 0.77 8.01 22.39
N GLY A 86 -0.08 9.03 22.22
CA GLY A 86 -0.85 9.11 21.00
C GLY A 86 0.08 9.23 19.82
N ALA A 87 1.00 10.19 19.88
CA ALA A 87 1.91 10.44 18.79
C ALA A 87 2.83 9.25 18.54
N THR A 88 3.42 8.68 19.60
CA THR A 88 4.33 7.57 19.36
C THR A 88 3.61 6.38 18.75
N ASN A 89 2.32 6.20 19.03
CA ASN A 89 1.58 5.09 18.40
C ASN A 89 1.35 5.28 16.91
N LEU A 90 1.61 6.47 16.35
CA LEU A 90 1.48 6.66 14.90
C LEU A 90 2.70 6.19 14.13
N VAL A 91 3.82 5.96 14.82
CA VAL A 91 5.13 5.96 14.17
C VAL A 91 5.25 4.87 13.10
N SER A 92 4.76 3.66 13.36
CA SER A 92 4.85 2.62 12.33
C SER A 92 4.08 3.00 11.07
N GLY A 93 2.97 3.74 11.21
CA GLY A 93 2.21 4.12 10.03
C GLY A 93 2.90 5.21 9.22
N LEU A 94 3.51 6.18 9.90
CA LEU A 94 4.34 7.17 9.23
C LEU A 94 5.46 6.52 8.42
N ALA A 95 6.25 5.66 9.07
CA ALA A 95 7.36 5.01 8.37
C ALA A 95 6.82 4.19 7.19
N ASP A 96 5.66 3.55 7.41
CA ASP A 96 5.04 2.75 6.36
C ASP A 96 4.60 3.62 5.19
N ALA A 97 3.94 4.74 5.47
CA ALA A 97 3.54 5.65 4.39
C ALA A 97 4.74 6.24 3.68
N LEU A 98 5.84 6.48 4.40
CA LEU A 98 7.00 7.05 3.69
C LEU A 98 7.64 6.00 2.77
N LEU A 99 7.72 4.74 3.20
CA LEU A 99 8.39 3.75 2.37
C LEU A 99 7.57 3.38 1.14
N ASP A 100 6.24 3.42 1.24
CA ASP A 100 5.38 3.04 0.12
C ASP A 100 4.87 4.26 -0.64
N SER A 101 5.31 5.46 -0.25
CA SER A 101 4.94 6.71 -0.95
C SER A 101 3.43 6.93 -0.99
N VAL A 102 2.83 6.87 0.19
CA VAL A 102 1.39 7.03 0.41
C VAL A 102 1.12 8.44 0.96
N PRO A 103 0.21 9.21 0.37
CA PRO A 103 -0.08 10.55 0.91
C PRO A 103 -0.84 10.49 2.23
N LEU A 104 -0.31 11.15 3.24
CA LEU A 104 -0.92 11.10 4.55
C LEU A 104 -0.62 12.41 5.26
N VAL A 105 -1.61 12.95 5.96
CA VAL A 105 -1.42 14.07 6.85
C VAL A 105 -1.79 13.62 8.25
N ALA A 106 -0.82 13.67 9.16
CA ALA A 106 -0.98 13.28 10.56
C ALA A 106 -0.90 14.53 11.43
N ILE A 107 -1.90 14.74 12.26
CA ILE A 107 -1.95 15.88 13.18
C ILE A 107 -1.83 15.36 14.60
N THR A 108 -0.87 15.90 15.38
CA THR A 108 -0.71 15.52 16.79
C THR A 108 -0.90 16.73 17.70
N GLY A 109 -1.67 16.54 18.75
CA GLY A 109 -1.62 17.48 19.83
C GLY A 109 -0.27 17.42 20.52
N GLN A 110 0.06 18.53 21.20
CA GLN A 110 1.34 18.68 21.85
C GLN A 110 1.09 19.46 23.14
N VAL A 111 2.03 19.38 24.07
CA VAL A 111 1.92 20.20 25.29
C VAL A 111 2.04 21.67 24.87
N THR A 112 1.83 22.60 25.80
CA THR A 112 1.91 24.03 25.42
C THR A 112 3.34 24.42 25.04
N ARG A 113 3.48 25.49 24.28
CA ARG A 113 4.80 25.98 23.83
C ARG A 113 5.77 26.19 24.98
N ARG A 114 5.32 26.72 26.11
CA ARG A 114 6.20 26.95 27.27
C ARG A 114 6.53 25.65 28.00
N MET A 115 5.78 24.57 27.76
CA MET A 115 6.07 23.28 28.42
C MET A 115 7.00 22.45 27.55
N ILE A 116 7.11 22.75 26.26
CA ILE A 116 7.97 21.97 25.39
C ILE A 116 9.38 21.97 25.94
N GLY A 117 10.00 20.79 26.00
CA GLY A 117 11.34 20.64 26.53
C GLY A 117 11.47 20.43 28.02
N THR A 118 10.38 20.32 28.77
CA THR A 118 10.45 20.21 30.21
C THR A 118 10.12 18.81 30.73
N ASP A 119 10.16 17.78 29.88
CA ASP A 119 9.71 16.44 30.29
C ASP A 119 8.30 16.49 30.85
N ALA A 120 7.45 17.25 30.17
CA ALA A 120 6.09 17.53 30.62
C ALA A 120 5.19 16.29 30.49
N PHE A 121 3.98 16.41 31.04
CA PHE A 121 2.98 15.35 30.96
C PHE A 121 2.66 15.00 29.53
N GLN A 122 2.77 13.72 29.21
CA GLN A 122 2.52 13.23 27.85
C GLN A 122 3.24 14.05 26.78
N GLU A 123 4.49 14.43 27.05
CA GLU A 123 5.32 15.12 26.07
C GLU A 123 6.25 14.15 25.34
N THR A 124 6.24 14.23 24.02
CA THR A 124 7.17 13.51 23.20
C THR A 124 7.72 14.51 22.21
N PRO A 125 9.01 14.53 21.98
CA PRO A 125 9.56 15.37 20.92
C PRO A 125 9.26 14.77 19.54
N ILE A 126 7.98 14.79 19.14
CA ILE A 126 7.54 13.95 18.02
C ILE A 126 8.12 14.47 16.71
N VAL A 127 8.40 15.77 16.62
CA VAL A 127 8.99 16.31 15.39
C VAL A 127 10.42 15.79 15.20
N GLU A 128 11.18 15.65 16.30
CA GLU A 128 12.49 15.01 16.23
C GLU A 128 12.38 13.54 15.89
N VAL A 129 11.50 12.84 16.59
CA VAL A 129 11.33 11.40 16.41
C VAL A 129 11.02 11.08 14.96
N THR A 130 10.15 11.89 14.32
CA THR A 130 9.60 11.52 13.02
C THR A 130 10.28 12.21 11.85
N ARG A 131 11.32 13.00 12.10
CA ARG A 131 11.96 13.71 11.00
C ARG A 131 12.46 12.75 9.93
N SER A 132 13.06 11.63 10.33
CA SER A 132 13.63 10.76 9.32
C SER A 132 12.62 9.77 8.74
N ILE A 133 11.38 9.77 9.21
CA ILE A 133 10.38 8.84 8.71
C ILE A 133 9.13 9.57 8.23
N THR A 134 9.24 10.86 7.92
CA THR A 134 8.17 11.61 7.27
C THR A 134 8.76 12.33 6.06
N LYS A 135 7.89 12.67 5.10
CA LYS A 135 8.35 13.48 3.98
C LYS A 135 8.73 14.88 4.46
N HIS A 136 7.95 15.42 5.39
CA HIS A 136 8.21 16.69 6.05
C HIS A 136 7.36 16.68 7.32
N ASN A 137 7.70 17.56 8.26
CA ASN A 137 6.85 17.75 9.43
C ASN A 137 6.99 19.19 9.93
N TYR A 138 6.14 19.53 10.89
CA TYR A 138 6.00 20.91 11.37
C TYR A 138 5.68 20.92 12.84
N LEU A 139 6.23 21.91 13.55
CA LEU A 139 5.74 22.28 14.89
C LEU A 139 5.10 23.66 14.77
N VAL A 140 3.82 23.76 15.10
CA VAL A 140 3.13 25.04 14.96
C VAL A 140 3.48 25.91 16.15
N MET A 141 4.09 27.07 15.90
CA MET A 141 4.53 27.94 16.99
C MET A 141 3.69 29.20 17.12
N ASP A 142 2.69 29.40 16.26
CA ASP A 142 1.82 30.56 16.32
C ASP A 142 0.50 30.22 15.63
N VAL A 143 -0.62 30.56 16.28
CA VAL A 143 -1.94 30.25 15.73
C VAL A 143 -2.09 30.86 14.35
N GLU A 144 -1.42 31.97 14.07
CA GLU A 144 -1.61 32.53 12.73
C GLU A 144 -0.99 31.68 11.62
N ASP A 145 -0.14 30.73 11.94
CA ASP A 145 0.50 29.89 10.94
C ASP A 145 -0.33 28.68 10.53
N ILE A 146 -1.41 28.39 11.26
CA ILE A 146 -2.21 27.20 10.97
C ILE A 146 -2.69 27.15 9.51
N PRO A 147 -3.34 28.18 8.96
CA PRO A 147 -3.77 28.02 7.55
C PRO A 147 -2.64 27.67 6.61
N ARG A 148 -1.50 28.38 6.67
CA ARG A 148 -0.40 28.11 5.75
C ARG A 148 0.16 26.70 5.96
N ILE A 149 0.34 26.30 7.22
CA ILE A 149 0.97 25.01 7.47
C ILE A 149 0.06 23.88 7.00
N ILE A 150 -1.25 23.98 7.27
CA ILE A 150 -2.15 22.94 6.77
C ILE A 150 -2.12 22.89 5.24
N GLU A 151 -2.12 24.05 4.59
CA GLU A 151 -2.07 24.03 3.13
C GLU A 151 -0.76 23.43 2.62
N GLU A 152 0.37 23.78 3.24
CA GLU A 152 1.65 23.23 2.81
C GLU A 152 1.71 21.73 3.04
N ALA A 153 1.16 21.27 4.15
CA ALA A 153 1.18 19.86 4.51
C ALA A 153 0.43 19.01 3.47
N PHE A 154 -0.77 19.44 3.08
CA PHE A 154 -1.51 18.71 2.05
C PHE A 154 -0.80 18.80 0.71
N PHE A 155 -0.24 19.96 0.42
CA PHE A 155 0.45 20.10 -0.85
C PHE A 155 1.64 19.16 -0.92
N LEU A 156 2.44 19.13 0.14
CA LEU A 156 3.63 18.28 0.15
C LEU A 156 3.26 16.79 0.19
N ALA A 157 2.23 16.43 0.96
CA ALA A 157 1.82 15.03 1.05
C ALA A 157 1.34 14.48 -0.28
N THR A 158 0.70 15.32 -1.11
CA THR A 158 0.01 14.81 -2.29
C THR A 158 0.75 15.07 -3.59
N SER A 159 1.62 16.08 -3.63
CA SER A 159 2.37 16.41 -4.85
C SER A 159 3.64 15.57 -4.92
N GLY A 160 4.27 15.58 -6.09
CA GLY A 160 5.56 14.94 -6.25
C GLY A 160 5.45 13.45 -6.00
N ARG A 161 6.46 12.91 -5.34
CA ARG A 161 6.39 11.58 -4.75
C ARG A 161 5.59 11.68 -3.46
N PRO A 162 4.39 11.12 -3.38
CA PRO A 162 3.54 11.36 -2.20
C PRO A 162 4.12 10.73 -0.95
N GLY A 163 3.73 11.26 0.21
CA GLY A 163 4.20 10.75 1.47
C GLY A 163 3.55 11.41 2.65
N PRO A 164 3.94 10.99 3.85
CA PRO A 164 3.32 11.51 5.08
C PRO A 164 3.96 12.80 5.54
N VAL A 165 3.09 13.68 6.04
CA VAL A 165 3.49 14.93 6.65
C VAL A 165 2.80 14.99 8.01
N LEU A 166 3.58 15.24 9.05
CA LEU A 166 3.07 15.39 10.41
C LEU A 166 3.07 16.86 10.84
N VAL A 167 2.00 17.28 11.49
CA VAL A 167 1.81 18.63 12.01
C VAL A 167 1.52 18.53 13.51
N ASP A 168 2.40 19.15 14.31
CA ASP A 168 2.35 19.07 15.78
C ASP A 168 1.81 20.41 16.34
N VAL A 169 0.76 20.35 17.14
CA VAL A 169 -0.03 21.54 17.51
C VAL A 169 -0.11 21.66 19.03
N PRO A 170 0.65 22.59 19.62
CA PRO A 170 0.60 22.80 21.08
C PRO A 170 -0.79 23.18 21.56
N LYS A 171 -1.16 22.66 22.74
CA LYS A 171 -2.51 22.88 23.26
C LYS A 171 -2.82 24.37 23.44
N ASP A 172 -1.83 25.19 23.81
CA ASP A 172 -2.13 26.61 23.97
C ASP A 172 -2.52 27.23 22.63
N ILE A 173 -1.87 26.81 21.54
CA ILE A 173 -2.21 27.29 20.18
C ILE A 173 -3.64 26.85 19.80
N GLN A 174 -4.05 25.66 20.25
CA GLN A 174 -5.40 25.19 19.92
C GLN A 174 -6.46 26.08 20.56
N GLN A 175 -6.16 26.63 21.73
CA GLN A 175 -7.08 27.44 22.53
C GLN A 175 -7.01 28.91 22.17
N GLN A 176 -5.97 29.36 21.50
CA GLN A 176 -5.84 30.78 21.25
C GLN A 176 -6.89 31.25 20.24
N LEU A 177 -7.44 32.44 20.47
CA LEU A 177 -8.40 32.99 19.49
C LEU A 177 -7.66 33.78 18.44
N ALA A 178 -8.12 33.67 17.21
CA ALA A 178 -7.54 34.46 16.15
C ALA A 178 -8.56 34.52 15.02
N ILE A 179 -8.26 35.38 14.05
CA ILE A 179 -9.00 35.49 12.80
C ILE A 179 -8.08 34.98 11.71
N PRO A 180 -8.40 33.86 11.09
CA PRO A 180 -7.47 33.26 10.13
C PRO A 180 -7.41 34.05 8.85
N ASN A 181 -6.24 34.01 8.21
CA ASN A 181 -6.06 34.52 6.86
C ASN A 181 -5.86 33.33 5.92
N TRP A 182 -6.85 33.09 5.06
CA TRP A 182 -6.86 31.95 4.16
C TRP A 182 -6.13 32.21 2.84
N GLU A 183 -5.43 33.34 2.72
CA GLU A 183 -4.79 33.71 1.47
C GLU A 183 -3.29 33.91 1.62
N GLN A 184 -2.66 33.37 2.68
CA GLN A 184 -1.21 33.44 2.75
C GLN A 184 -0.60 32.54 1.67
N ALA A 185 0.51 32.99 1.11
CA ALA A 185 1.27 32.19 0.16
C ALA A 185 1.99 31.06 0.88
N MET A 186 1.97 29.88 0.28
CA MET A 186 2.80 28.80 0.78
C MET A 186 4.25 29.22 0.77
N ARG A 187 4.98 28.76 1.77
CA ARG A 187 6.37 29.13 1.92
C ARG A 187 7.26 27.99 1.52
N LEU A 188 7.18 27.56 0.27
CA LEU A 188 7.96 26.38 -0.20
C LEU A 188 8.72 26.70 -1.49
N PRO A 189 9.61 27.70 -1.53
CA PRO A 189 10.29 28.06 -2.75
C PRO A 189 11.19 26.98 -3.35
N GLY A 190 11.99 26.32 -2.52
CA GLY A 190 12.91 25.30 -3.00
C GLY A 190 12.20 24.09 -3.57
N TYR A 191 11.26 23.54 -2.83
CA TYR A 191 10.55 22.34 -3.28
C TYR A 191 9.78 22.62 -4.57
N MET A 192 9.12 23.76 -4.64
CA MET A 192 8.33 24.08 -5.85
C MET A 192 9.24 24.33 -7.05
N SER A 193 10.45 24.81 -6.84
CA SER A 193 11.36 25.04 -7.99
C SER A 193 11.98 23.73 -8.44
N ARG A 194 12.00 22.72 -7.57
CA ARG A 194 12.60 21.40 -7.90
C ARG A 194 11.52 20.45 -8.40
N MET A 195 10.30 20.95 -8.65
CA MET A 195 9.20 20.12 -9.17
C MET A 195 9.43 19.82 -10.64
N PRO A 196 9.36 18.55 -11.07
CA PRO A 196 9.62 18.19 -12.45
C PRO A 196 8.74 18.89 -13.49
N LYS A 197 9.34 19.17 -14.65
CA LYS A 197 8.66 19.79 -15.77
C LYS A 197 7.89 18.71 -16.52
N PRO A 198 6.95 19.06 -17.39
CA PRO A 198 6.38 18.06 -18.29
C PRO A 198 7.44 17.49 -19.19
N PRO A 199 7.37 16.20 -19.50
CA PRO A 199 8.47 15.57 -20.25
C PRO A 199 8.68 16.20 -21.63
N GLU A 200 9.94 16.25 -22.04
CA GLU A 200 10.32 16.82 -23.32
C GLU A 200 10.22 15.78 -24.43
N ASP A 201 9.79 16.24 -25.61
CA ASP A 201 9.73 15.37 -26.78
C ASP A 201 11.06 14.68 -27.06
N SER A 202 12.17 15.42 -27.01
CA SER A 202 13.49 14.82 -27.17
C SER A 202 13.60 13.50 -26.41
N HIS A 203 13.24 13.47 -25.12
CA HIS A 203 13.46 12.25 -24.35
C HIS A 203 12.44 11.18 -24.72
N LEU A 204 11.22 11.60 -25.00
CA LEU A 204 10.15 10.63 -25.33
C LEU A 204 10.45 10.00 -26.69
N GLU A 205 10.92 10.80 -27.63
CA GLU A 205 11.24 10.30 -28.99
C GLU A 205 12.38 9.27 -28.90
N GLN A 206 13.35 9.50 -28.03
CA GLN A 206 14.48 8.56 -27.86
C GLN A 206 13.97 7.23 -27.31
N ILE A 207 12.97 7.25 -26.43
CA ILE A 207 12.45 5.99 -25.85
C ILE A 207 11.78 5.21 -26.97
N VAL A 208 10.93 5.85 -27.75
CA VAL A 208 10.24 5.15 -28.86
C VAL A 208 11.28 4.64 -29.85
N ARG A 209 12.35 5.41 -30.06
CA ARG A 209 13.41 4.96 -30.96
C ARG A 209 13.93 3.62 -30.44
N LEU A 210 14.30 3.57 -29.16
CA LEU A 210 14.87 2.35 -28.54
C LEU A 210 13.92 1.17 -28.63
N ILE A 211 12.63 1.42 -28.45
CA ILE A 211 11.63 0.34 -28.53
C ILE A 211 11.69 -0.28 -29.91
N SER A 212 11.66 0.55 -30.94
CA SER A 212 11.62 0.06 -32.32
C SER A 212 12.90 -0.67 -32.71
N GLU A 213 13.99 -0.43 -32.00
CA GLU A 213 15.23 -1.15 -32.24
C GLU A 213 15.39 -2.38 -31.38
N SER A 214 14.39 -2.76 -30.61
CA SER A 214 14.55 -3.83 -29.64
C SER A 214 13.80 -5.06 -30.10
N LYS A 215 14.33 -6.22 -29.73
CA LYS A 215 13.62 -7.47 -30.03
C LYS A 215 13.03 -8.16 -28.81
N LYS A 216 13.46 -7.82 -27.57
CA LYS A 216 12.97 -8.43 -26.32
C LYS A 216 12.66 -7.39 -25.24
N PRO A 217 11.64 -6.55 -25.45
CA PRO A 217 11.36 -5.51 -24.46
C PRO A 217 10.46 -6.01 -23.33
N VAL A 218 10.70 -5.51 -22.12
CA VAL A 218 9.82 -5.80 -20.99
C VAL A 218 9.46 -4.51 -20.27
N LEU A 219 8.18 -4.35 -19.96
CA LEU A 219 7.72 -3.31 -19.05
C LEU A 219 7.87 -3.79 -17.59
N TYR A 220 8.39 -2.89 -16.74
CA TYR A 220 8.66 -3.13 -15.31
C TYR A 220 7.94 -2.00 -14.58
N VAL A 221 6.72 -2.28 -14.10
CA VAL A 221 5.82 -1.24 -13.61
C VAL A 221 5.62 -1.40 -12.12
N GLY A 222 5.46 -0.26 -11.42
CA GLY A 222 5.42 -0.24 -9.97
C GLY A 222 4.37 0.72 -9.45
N GLY A 223 4.47 1.07 -8.15
CA GLY A 223 3.47 1.92 -7.55
C GLY A 223 3.35 3.29 -8.20
N GLY A 224 4.39 3.75 -8.91
CA GLY A 224 4.29 5.02 -9.61
C GLY A 224 3.27 5.05 -10.74
N CYS A 225 2.84 3.89 -11.25
CA CYS A 225 1.84 3.85 -12.32
C CYS A 225 0.40 3.79 -11.83
N LEU A 226 0.13 3.85 -10.53
CA LEU A 226 -1.23 3.64 -10.07
C LEU A 226 -2.22 4.69 -10.58
N ASN A 227 -1.76 5.83 -11.11
CA ASN A 227 -2.73 6.77 -11.68
C ASN A 227 -2.65 6.79 -13.20
N SER A 228 -2.07 5.74 -13.80
CA SER A 228 -1.72 5.72 -15.21
C SER A 228 -2.28 4.50 -15.91
N SER A 229 -3.33 3.94 -15.33
CA SER A 229 -3.92 2.69 -15.78
C SER A 229 -4.31 2.78 -17.27
N ASP A 230 -5.10 3.80 -17.61
CA ASP A 230 -5.51 4.04 -18.99
C ASP A 230 -4.32 4.25 -19.92
N GLU A 231 -3.42 5.18 -19.58
CA GLU A 231 -2.26 5.46 -20.44
C GLU A 231 -1.40 4.22 -20.63
N LEU A 232 -1.24 3.43 -19.56
CA LEU A 232 -0.37 2.26 -19.66
C LEU A 232 -1.02 1.18 -20.52
N GLY A 233 -2.34 1.04 -20.42
CA GLY A 233 -3.03 0.05 -21.22
C GLY A 233 -2.98 0.39 -22.69
N ARG A 234 -3.26 1.66 -23.02
CA ARG A 234 -3.05 2.19 -24.36
C ARG A 234 -1.61 1.98 -24.86
N PHE A 235 -0.62 2.26 -24.03
CA PHE A 235 0.77 2.06 -24.43
C PHE A 235 1.05 0.60 -24.78
N VAL A 236 0.43 -0.34 -24.06
CA VAL A 236 0.67 -1.76 -24.35
C VAL A 236 -0.06 -2.16 -25.64
N GLU A 237 -1.25 -1.60 -25.88
CA GLU A 237 -1.90 -1.76 -27.19
C GLU A 237 -0.96 -1.37 -28.33
N LEU A 238 -0.43 -0.14 -28.30
CA LEU A 238 0.42 0.35 -29.37
C LEU A 238 1.78 -0.35 -29.44
N THR A 239 2.18 -1.13 -28.44
CA THR A 239 3.53 -1.68 -28.55
C THR A 239 3.57 -3.19 -28.47
N GLY A 240 2.53 -3.80 -27.89
CA GLY A 240 2.56 -5.20 -27.53
C GLY A 240 3.72 -5.61 -26.66
N ILE A 241 4.20 -4.73 -25.79
CA ILE A 241 5.28 -5.11 -24.86
C ILE A 241 4.66 -5.81 -23.64
N PRO A 242 5.17 -6.97 -23.24
CA PRO A 242 4.62 -7.66 -22.07
C PRO A 242 5.00 -6.95 -20.76
N VAL A 243 4.14 -7.10 -19.74
CA VAL A 243 4.16 -6.29 -18.51
C VAL A 243 4.50 -7.15 -17.29
N ALA A 244 5.67 -6.92 -16.66
CA ALA A 244 5.94 -7.38 -15.29
C ALA A 244 5.70 -6.27 -14.27
N SER A 245 5.14 -6.62 -13.12
CA SER A 245 4.73 -5.61 -12.15
C SER A 245 5.35 -5.92 -10.79
N THR A 246 5.69 -4.87 -10.02
CA THR A 246 6.14 -5.06 -8.63
C THR A 246 4.97 -5.33 -7.71
N LEU A 247 5.27 -5.65 -6.46
CA LEU A 247 4.17 -5.84 -5.51
C LEU A 247 3.35 -4.56 -5.35
N MET A 248 3.97 -3.38 -5.46
CA MET A 248 3.22 -2.14 -5.31
C MET A 248 2.49 -1.78 -6.58
N GLY A 249 2.92 -2.30 -7.73
CA GLY A 249 2.26 -1.99 -8.98
C GLY A 249 1.03 -2.81 -9.34
N LEU A 250 0.71 -3.89 -8.60
CA LEU A 250 -0.33 -4.83 -9.00
C LEU A 250 -1.62 -4.09 -9.37
N GLY A 251 -2.12 -4.38 -10.57
CA GLY A 251 -3.36 -3.83 -11.04
C GLY A 251 -3.21 -2.61 -11.92
N SER A 252 -2.00 -2.02 -12.00
CA SER A 252 -1.80 -0.95 -12.97
C SER A 252 -2.10 -1.45 -14.36
N TYR A 253 -1.59 -2.62 -14.71
CA TYR A 253 -1.98 -3.42 -15.85
C TYR A 253 -2.73 -4.66 -15.34
N PRO A 254 -3.90 -5.01 -15.91
CA PRO A 254 -4.76 -6.14 -15.49
C PRO A 254 -4.03 -7.50 -15.44
N ASP A 256 -5.38 -10.57 -15.37
CA ASP A 256 -6.07 -11.49 -16.26
CA ASP A 256 -6.00 -11.56 -16.26
C ASP A 256 -5.91 -11.11 -17.72
N ASP A 257 -4.70 -10.87 -18.18
CA ASP A 257 -4.45 -10.40 -19.53
C ASP A 257 -3.29 -11.21 -20.11
N GLU A 258 -3.33 -11.37 -21.42
CA GLU A 258 -2.40 -12.27 -22.08
C GLU A 258 -0.99 -11.70 -22.08
N LEU A 259 -0.86 -10.36 -22.04
CA LEU A 259 0.44 -9.72 -22.03
C LEU A 259 1.02 -9.55 -20.63
N SER A 260 0.25 -9.91 -19.61
CA SER A 260 0.70 -9.76 -18.23
C SER A 260 1.64 -10.91 -17.84
N LEU A 261 2.89 -10.59 -17.47
CA LEU A 261 3.80 -11.52 -16.83
C LEU A 261 3.60 -11.63 -15.31
N HIS A 262 2.61 -10.93 -14.77
CA HIS A 262 2.34 -10.89 -13.32
C HIS A 262 3.56 -10.29 -12.59
N MET A 263 3.82 -10.74 -11.37
CA MET A 263 4.78 -10.08 -10.49
C MET A 263 6.17 -10.63 -10.71
N LEU A 264 7.16 -9.73 -10.69
CA LEU A 264 8.55 -10.15 -10.72
C LEU A 264 9.15 -10.05 -9.32
N GLY A 265 10.33 -10.63 -9.14
CA GLY A 265 11.11 -10.42 -7.94
C GLY A 265 11.32 -11.68 -7.13
N MET A 266 11.69 -11.52 -5.85
CA MET A 266 12.03 -12.64 -4.97
C MET A 266 10.99 -13.74 -5.04
N HIS A 267 9.72 -13.38 -4.99
CA HIS A 267 8.60 -14.29 -5.16
C HIS A 267 7.81 -14.00 -6.41
N GLY A 268 8.47 -13.46 -7.45
CA GLY A 268 7.85 -13.32 -8.76
C GLY A 268 7.72 -14.65 -9.49
N THR A 269 6.89 -14.62 -10.55
CA THR A 269 6.74 -15.77 -11.44
C THR A 269 8.06 -16.06 -12.17
N VAL A 270 8.27 -17.35 -12.49
CA VAL A 270 9.45 -17.75 -13.25
C VAL A 270 9.48 -17.02 -14.60
N TYR A 271 8.32 -16.85 -15.21
CA TYR A 271 8.33 -16.22 -16.53
C TYR A 271 8.57 -14.71 -16.45
N ALA A 272 8.04 -14.03 -15.41
CA ALA A 272 8.35 -12.60 -15.25
C ALA A 272 9.85 -12.40 -15.04
N ASN A 273 10.44 -13.16 -14.14
CA ASN A 273 11.86 -12.98 -13.92
C ASN A 273 12.69 -13.40 -15.14
N TYR A 274 12.21 -14.42 -15.87
CA TYR A 274 12.88 -14.82 -17.11
C TYR A 274 12.87 -13.67 -18.10
N ALA A 275 11.68 -13.12 -18.36
CA ALA A 275 11.54 -11.97 -19.25
C ALA A 275 12.59 -10.90 -18.94
N VAL A 276 12.73 -10.53 -17.65
CA VAL A 276 13.63 -9.46 -17.30
C VAL A 276 15.07 -9.91 -17.50
N GLU A 277 15.37 -11.17 -17.13
CA GLU A 277 16.71 -11.71 -17.25
C GLU A 277 17.23 -11.64 -18.68
N HIS A 278 16.37 -11.89 -19.66
CA HIS A 278 16.77 -12.00 -21.06
C HIS A 278 16.36 -10.81 -21.90
N SER A 279 15.72 -9.81 -21.30
CA SER A 279 15.29 -8.65 -22.05
C SER A 279 16.50 -7.91 -22.63
N ASP A 280 16.24 -7.18 -23.71
CA ASP A 280 17.22 -6.24 -24.24
C ASP A 280 16.75 -4.79 -24.09
N LEU A 281 15.50 -4.58 -23.68
CA LEU A 281 15.01 -3.25 -23.33
C LEU A 281 14.14 -3.35 -22.07
N LEU A 282 14.53 -2.65 -21.01
CA LEU A 282 13.79 -2.64 -19.75
C LEU A 282 13.12 -1.28 -19.56
N LEU A 283 11.81 -1.24 -19.65
CA LEU A 283 11.05 0.01 -19.45
C LEU A 283 10.58 0.07 -18.00
N ALA A 284 11.36 0.75 -17.15
CA ALA A 284 11.10 0.82 -15.71
C ALA A 284 10.30 2.07 -15.41
N PHE A 285 8.99 1.91 -15.25
CA PHE A 285 8.04 3.01 -15.07
C PHE A 285 7.47 2.98 -13.65
N GLY A 286 7.86 3.94 -12.81
CA GLY A 286 7.25 4.11 -11.50
C GLY A 286 7.70 3.03 -10.52
N VAL A 287 9.00 2.71 -10.53
CA VAL A 287 9.59 1.64 -9.75
C VAL A 287 10.88 2.18 -9.17
N ARG A 288 11.35 1.53 -8.09
CA ARG A 288 12.53 2.06 -7.40
C ARG A 288 13.63 1.03 -7.29
N PHE A 289 13.65 0.03 -8.18
CA PHE A 289 14.73 -0.96 -8.23
C PHE A 289 15.13 -1.46 -6.86
N ASP A 290 14.13 -1.80 -6.05
CA ASP A 290 14.36 -2.43 -4.75
C ASP A 290 14.93 -3.84 -4.91
N ASP A 291 15.76 -4.25 -3.95
CA ASP A 291 16.45 -5.53 -4.12
C ASP A 291 15.58 -6.75 -3.78
N ARG A 292 14.40 -6.56 -3.18
CA ARG A 292 13.41 -7.63 -3.21
C ARG A 292 13.01 -7.94 -4.66
N VAL A 293 13.09 -6.96 -5.56
CA VAL A 293 12.89 -7.20 -6.99
C VAL A 293 14.19 -7.61 -7.67
N THR A 294 15.27 -6.87 -7.50
CA THR A 294 16.42 -7.04 -8.38
C THR A 294 17.29 -8.21 -8.01
N GLY A 295 17.25 -8.64 -6.75
CA GLY A 295 18.30 -9.54 -6.34
C GLY A 295 19.63 -8.84 -6.52
N LYS A 296 20.66 -9.62 -6.87
CA LYS A 296 21.98 -9.06 -7.14
C LYS A 296 21.93 -8.10 -8.32
N LEU A 297 22.27 -6.82 -8.08
CA LEU A 297 22.01 -5.76 -9.06
C LEU A 297 22.74 -6.00 -10.38
N GLU A 298 24.01 -6.41 -10.33
CA GLU A 298 24.79 -6.59 -11.55
C GLU A 298 24.19 -7.65 -12.45
N ALA A 299 23.56 -8.67 -11.85
CA ALA A 299 22.92 -9.74 -12.62
C ALA A 299 21.54 -9.37 -13.14
N PHE A 300 20.97 -8.26 -12.70
CA PHE A 300 19.57 -7.91 -12.97
C PHE A 300 19.47 -7.16 -14.29
N ALA A 301 18.67 -7.67 -15.22
CA ALA A 301 18.50 -7.07 -16.56
C ALA A 301 19.85 -6.73 -17.20
N SER A 302 20.78 -7.69 -17.09
CA SER A 302 22.19 -7.46 -17.38
C SER A 302 22.48 -7.28 -18.87
N ARG A 303 21.55 -7.65 -19.75
CA ARG A 303 21.71 -7.41 -21.19
C ARG A 303 20.69 -6.42 -21.72
N ALA A 304 20.15 -5.57 -20.86
CA ALA A 304 19.08 -4.68 -21.29
C ALA A 304 19.58 -3.24 -21.32
N LYS A 305 19.07 -2.49 -22.30
CA LYS A 305 19.06 -1.05 -22.22
C LYS A 305 17.91 -0.64 -21.30
N ILE A 306 18.23 0.19 -20.31
CA ILE A 306 17.31 0.47 -19.21
C ILE A 306 16.76 1.87 -19.36
N VAL A 307 15.44 1.99 -19.41
CA VAL A 307 14.74 3.26 -19.40
C VAL A 307 14.05 3.41 -18.04
N HIS A 308 14.31 4.53 -17.37
CA HIS A 308 13.73 4.76 -16.06
C HIS A 308 13.00 6.08 -16.09
N ILE A 309 11.70 6.04 -15.80
CA ILE A 309 10.87 7.23 -15.65
C ILE A 309 10.41 7.33 -14.20
N ASP A 310 10.81 8.39 -13.52
CA ASP A 310 10.50 8.54 -12.10
C ASP A 310 10.29 10.00 -11.78
N ILE A 311 9.31 10.25 -10.90
CA ILE A 311 9.00 11.61 -10.42
C ILE A 311 10.00 12.11 -9.40
N ASP A 312 10.88 11.23 -8.93
CA ASP A 312 11.88 11.56 -7.90
C ASP A 312 13.25 11.39 -8.53
N SER A 313 13.93 12.51 -8.79
CA SER A 313 15.28 12.41 -9.39
C SER A 313 16.25 11.63 -8.52
N ALA A 314 16.01 11.55 -7.22
CA ALA A 314 16.96 10.82 -6.38
C ALA A 314 16.91 9.32 -6.67
N GLU A 315 15.83 8.84 -7.27
CA GLU A 315 15.71 7.43 -7.64
C GLU A 315 16.41 7.10 -8.94
N ILE A 316 16.60 8.08 -9.83
CA ILE A 316 17.13 7.81 -11.15
C ILE A 316 18.64 7.69 -11.08
N GLY A 317 19.15 6.50 -11.34
CA GLY A 317 20.56 6.22 -11.21
C GLY A 317 21.04 5.86 -9.83
N LYS A 318 20.12 5.58 -8.91
CA LYS A 318 20.48 5.25 -7.54
C LYS A 318 21.15 3.89 -7.47
N ASN A 319 20.41 2.81 -7.76
CA ASN A 319 20.89 1.42 -7.72
C ASN A 319 21.37 0.94 -9.08
N LYS A 320 20.56 1.11 -10.13
CA LYS A 320 20.91 0.74 -11.50
C LYS A 320 21.02 2.00 -12.38
N THR A 321 21.94 1.97 -13.35
CA THR A 321 22.21 3.17 -14.14
C THR A 321 21.53 3.08 -15.50
N PRO A 322 20.60 3.96 -15.82
CA PRO A 322 19.85 3.82 -17.05
C PRO A 322 20.63 4.36 -18.24
N HIS A 323 20.22 3.88 -19.41
CA HIS A 323 20.74 4.42 -20.66
C HIS A 323 19.94 5.65 -21.05
N VAL A 324 18.66 5.65 -20.73
CA VAL A 324 17.78 6.77 -20.95
C VAL A 324 16.94 6.96 -19.68
N SER A 325 16.59 8.21 -19.40
CA SER A 325 15.73 8.50 -18.26
C SER A 325 14.82 9.68 -18.55
N VAL A 326 13.67 9.68 -17.91
CA VAL A 326 12.83 10.86 -17.81
C VAL A 326 12.54 11.09 -16.32
N CYS A 327 12.86 12.29 -15.82
CA CYS A 327 12.43 12.69 -14.48
C CYS A 327 11.12 13.46 -14.60
N GLY A 328 10.01 12.85 -14.22
CA GLY A 328 8.69 13.43 -14.42
C GLY A 328 7.60 12.40 -14.15
N ASP A 329 6.38 12.87 -14.31
CA ASP A 329 5.16 12.07 -14.10
C ASP A 329 4.98 11.05 -15.22
N VAL A 330 5.01 9.77 -14.87
CA VAL A 330 4.91 8.70 -15.86
C VAL A 330 3.61 8.79 -16.64
N LYS A 331 2.55 9.36 -16.05
CA LYS A 331 1.30 9.53 -16.79
C LYS A 331 1.47 10.47 -17.98
N LEU A 332 2.19 11.58 -17.81
CA LEU A 332 2.46 12.47 -18.94
C LEU A 332 3.39 11.84 -19.95
N ALA A 333 4.40 11.10 -19.48
CA ALA A 333 5.31 10.43 -20.42
C ALA A 333 4.57 9.41 -21.27
N LEU A 334 3.69 8.62 -20.66
CA LEU A 334 2.90 7.65 -21.41
C LEU A 334 2.02 8.35 -22.44
N GLN A 335 1.31 9.40 -22.03
CA GLN A 335 0.49 10.13 -22.99
C GLN A 335 1.31 10.63 -24.17
N GLY A 336 2.48 11.20 -23.88
CA GLY A 336 3.32 11.71 -24.95
C GLY A 336 3.83 10.62 -25.86
N MET A 337 4.32 9.52 -25.27
CA MET A 337 4.76 8.41 -26.11
C MET A 337 3.62 7.81 -26.90
N ASN A 338 2.40 7.82 -26.36
CA ASN A 338 1.29 7.20 -27.07
C ASN A 338 0.97 7.96 -28.36
N LYS A 339 1.02 9.30 -28.33
CA LYS A 339 0.84 10.08 -29.55
C LYS A 339 1.87 9.69 -30.60
N VAL A 340 3.16 9.74 -30.24
CA VAL A 340 4.22 9.31 -31.16
C VAL A 340 3.93 7.91 -31.69
N LEU A 341 3.63 6.96 -30.80
CA LEU A 341 3.40 5.59 -31.25
C LEU A 341 2.17 5.47 -32.15
N GLU A 342 1.17 6.31 -31.93
CA GLU A 342 0.00 6.30 -32.80
C GLU A 342 0.34 6.87 -34.18
N ASN A 343 0.97 8.04 -34.25
CA ASN A 343 1.25 8.70 -35.53
C ASN A 343 2.21 7.90 -36.40
N ARG A 344 3.36 7.51 -35.84
CA ARG A 344 4.33 6.70 -36.55
C ARG A 344 3.97 5.20 -36.55
N ALA A 345 2.70 4.85 -36.31
CA ALA A 345 2.33 3.44 -36.21
C ALA A 345 2.74 2.66 -37.46
N GLU A 346 2.26 3.09 -38.64
CA GLU A 346 2.58 2.38 -39.89
C GLU A 346 4.06 2.46 -40.20
N GLU A 347 4.74 3.57 -39.87
CA GLU A 347 6.19 3.60 -40.07
C GLU A 347 6.93 2.66 -39.13
N LEU A 348 6.45 2.48 -37.88
CA LEU A 348 7.23 1.76 -36.88
C LEU A 348 7.08 0.26 -37.03
N LYS A 349 5.85 -0.19 -37.34
CA LYS A 349 5.49 -1.61 -37.44
C LYS A 349 6.18 -2.44 -36.34
N LEU A 350 5.59 -2.32 -35.16
CA LEU A 350 6.13 -2.97 -33.97
C LEU A 350 5.49 -4.34 -33.88
N ASP A 351 6.33 -5.36 -33.81
CA ASP A 351 5.87 -6.71 -33.61
C ASP A 351 6.87 -7.44 -32.74
N PHE A 352 6.44 -7.83 -31.52
CA PHE A 352 7.28 -8.62 -30.63
C PHE A 352 6.73 -10.02 -30.43
N GLY A 353 5.90 -10.50 -31.37
CA GLY A 353 5.27 -11.82 -31.23
C GLY A 353 6.26 -12.95 -31.02
N VAL A 354 7.50 -12.79 -31.48
CA VAL A 354 8.51 -13.83 -31.30
C VAL A 354 9.02 -13.88 -29.87
N TRP A 355 9.30 -12.72 -29.28
CA TRP A 355 9.58 -12.62 -27.84
C TRP A 355 8.39 -13.10 -27.02
N ARG A 356 7.18 -12.57 -27.31
CA ARG A 356 5.98 -12.95 -26.56
C ARG A 356 5.78 -14.45 -26.59
N ASN A 357 6.08 -15.08 -27.72
CA ASN A 357 5.95 -16.52 -27.80
C ASN A 357 7.02 -17.23 -26.96
N GLU A 358 8.24 -16.70 -26.95
CA GLU A 358 9.30 -17.25 -26.11
C GLU A 358 8.91 -17.20 -24.63
N LEU A 359 8.24 -16.11 -24.22
CA LEU A 359 7.77 -15.98 -22.85
C LEU A 359 6.58 -16.89 -22.60
N ASN A 360 5.64 -16.97 -23.55
CA ASN A 360 4.45 -17.81 -23.35
C ASN A 360 4.84 -19.27 -23.16
N VAL A 361 5.99 -19.69 -23.70
CA VAL A 361 6.49 -21.03 -23.44
C VAL A 361 6.91 -21.17 -21.98
N GLN A 362 7.69 -20.20 -21.48
CA GLN A 362 8.02 -20.18 -20.05
C GLN A 362 6.75 -20.12 -19.20
N LYS A 363 5.76 -19.37 -19.65
CA LYS A 363 4.49 -19.32 -18.94
C LYS A 363 3.84 -20.70 -18.83
N GLN A 364 4.01 -21.56 -19.85
CA GLN A 364 3.36 -22.88 -19.84
C GLN A 364 4.20 -23.90 -19.10
N LYS A 365 5.52 -23.83 -19.22
CA LYS A 365 6.38 -24.77 -18.51
C LYS A 365 6.45 -24.48 -17.02
N PHE A 366 6.42 -23.22 -16.59
CA PHE A 366 6.63 -22.88 -15.17
C PHE A 366 5.57 -21.92 -14.66
N PRO A 367 4.31 -22.35 -14.62
CA PRO A 367 3.26 -21.48 -14.08
C PRO A 367 3.24 -21.54 -12.55
N LEU A 368 2.42 -20.66 -11.98
CA LEU A 368 2.23 -20.70 -10.53
C LEU A 368 1.48 -21.98 -10.16
N SER A 369 1.88 -22.63 -9.09
CA SER A 369 1.28 -23.92 -8.81
C SER A 369 1.22 -24.19 -7.31
N PHE A 370 0.29 -25.07 -6.93
CA PHE A 370 0.17 -25.51 -5.54
C PHE A 370 -0.33 -26.95 -5.48
N LYS A 371 -0.06 -27.61 -4.36
CA LYS A 371 -0.57 -28.95 -4.09
C LYS A 371 -1.81 -28.90 -3.23
N THR A 372 -2.74 -29.81 -3.51
CA THR A 372 -3.88 -30.11 -2.65
C THR A 372 -3.59 -31.45 -1.94
N PHE A 373 -3.65 -31.46 -0.60
CA PHE A 373 -3.39 -32.65 0.20
C PHE A 373 -4.69 -33.10 0.87
N GLY A 374 -5.20 -34.25 0.43
CA GLY A 374 -6.45 -34.76 0.99
C GLY A 374 -7.53 -33.71 0.87
N GLU A 375 -8.22 -33.45 1.99
CA GLU A 375 -9.27 -32.43 2.05
C GLU A 375 -8.83 -31.14 2.75
N ALA A 376 -7.54 -31.00 3.07
CA ALA A 376 -6.96 -29.77 3.60
C ALA A 376 -7.12 -28.60 2.60
N ILE A 377 -7.32 -27.40 3.13
CA ILE A 377 -7.51 -26.21 2.31
C ILE A 377 -6.15 -25.67 1.90
N PRO A 378 -5.82 -25.60 0.61
CA PRO A 378 -4.66 -24.82 0.17
C PRO A 378 -4.98 -23.33 0.24
N PRO A 379 -4.17 -22.54 0.94
CA PRO A 379 -4.42 -21.09 0.97
C PRO A 379 -4.48 -20.48 -0.42
N GLN A 380 -3.56 -20.91 -1.31
CA GLN A 380 -3.60 -20.46 -2.69
C GLN A 380 -4.97 -20.65 -3.30
N TYR A 381 -5.59 -21.80 -3.03
CA TYR A 381 -6.89 -22.15 -3.61
C TYR A 381 -8.00 -21.26 -3.05
N ALA A 382 -7.95 -21.01 -1.73
CA ALA A 382 -8.94 -20.14 -1.10
C ALA A 382 -8.93 -18.74 -1.71
N ILE A 383 -7.76 -18.26 -2.11
CA ILE A 383 -7.71 -16.92 -2.72
C ILE A 383 -8.26 -17.01 -4.14
N LYS A 384 -8.03 -18.10 -4.84
CA LYS A 384 -8.58 -18.25 -6.22
C LYS A 384 -10.10 -18.28 -6.14
N VAL A 385 -10.64 -18.96 -5.15
CA VAL A 385 -12.12 -19.01 -5.03
C VAL A 385 -12.60 -17.61 -4.75
N LEU A 386 -11.95 -16.89 -3.84
CA LEU A 386 -12.38 -15.51 -3.56
C LEU A 386 -12.33 -14.68 -4.83
N ASP A 387 -11.26 -14.82 -5.62
CA ASP A 387 -11.23 -14.13 -6.91
C ASP A 387 -12.45 -14.47 -7.74
N GLU A 388 -12.77 -15.77 -7.86
CA GLU A 388 -13.90 -16.13 -8.70
C GLU A 388 -15.22 -15.59 -8.16
N LEU A 389 -15.49 -15.77 -6.86
CA LEU A 389 -16.79 -15.31 -6.38
C LEU A 389 -16.92 -13.79 -6.30
N THR A 390 -15.81 -13.04 -6.36
CA THR A 390 -15.89 -11.59 -6.39
C THR A 390 -15.63 -11.03 -7.77
N ASP A 391 -15.39 -11.92 -8.75
CA ASP A 391 -15.11 -11.51 -10.13
C ASP A 391 -13.92 -10.55 -10.21
N GLY A 392 -12.93 -10.78 -9.35
CA GLY A 392 -11.71 -9.98 -9.35
C GLY A 392 -11.95 -8.51 -9.14
N LYS A 393 -13.03 -8.16 -8.43
CA LYS A 393 -13.50 -6.79 -8.32
C LYS A 393 -13.46 -6.28 -6.87
N ALA A 394 -12.96 -7.09 -5.91
CA ALA A 394 -12.85 -6.66 -4.53
C ALA A 394 -11.62 -5.78 -4.31
N ILE A 395 -11.74 -4.90 -3.32
CA ILE A 395 -10.57 -4.28 -2.71
C ILE A 395 -9.99 -5.27 -1.71
N ILE A 396 -8.72 -5.64 -1.90
CA ILE A 396 -8.02 -6.60 -1.06
C ILE A 396 -6.95 -5.86 -0.24
N SER A 397 -7.03 -5.98 1.09
CA SER A 397 -5.91 -5.59 1.94
C SER A 397 -5.36 -6.86 2.58
N THR A 398 -4.12 -6.80 3.06
CA THR A 398 -3.47 -7.97 3.64
C THR A 398 -2.61 -7.60 4.84
N GLY A 399 -2.19 -8.62 5.58
CA GLY A 399 -1.08 -8.50 6.51
C GLY A 399 0.22 -8.70 5.77
N VAL A 400 1.21 -9.25 6.46
CA VAL A 400 2.53 -9.45 5.90
C VAL A 400 2.96 -10.89 6.12
N GLY A 401 3.56 -11.50 5.12
CA GLY A 401 3.99 -12.88 5.25
C GLY A 401 3.57 -13.73 4.08
N GLN A 402 3.41 -15.04 4.31
CA GLN A 402 3.08 -15.91 3.19
C GLN A 402 1.74 -15.56 2.60
N HIS A 403 0.75 -15.27 3.46
CA HIS A 403 -0.58 -15.02 2.92
C HIS A 403 -0.58 -13.78 2.04
N GLN A 404 0.30 -12.83 2.38
CA GLN A 404 0.43 -11.63 1.56
C GLN A 404 0.95 -11.99 0.17
N MET A 405 2.00 -12.82 0.10
CA MET A 405 2.45 -13.30 -1.20
C MET A 405 1.32 -14.05 -1.95
N TRP A 406 0.56 -14.90 -1.26
CA TRP A 406 -0.47 -15.63 -1.99
C TRP A 406 -1.58 -14.69 -2.44
N ALA A 407 -1.94 -13.68 -1.63
CA ALA A 407 -2.92 -12.71 -2.10
C ALA A 407 -2.41 -11.95 -3.33
N ALA A 408 -1.09 -11.82 -3.47
CA ALA A 408 -0.56 -11.19 -4.67
C ALA A 408 -0.53 -12.14 -5.86
N GLN A 409 -0.15 -13.40 -5.61
CA GLN A 409 0.02 -14.40 -6.66
C GLN A 409 -1.31 -14.85 -7.26
N PHE A 410 -2.34 -15.07 -6.44
CA PHE A 410 -3.52 -15.83 -6.83
C PHE A 410 -4.80 -15.03 -6.90
N TYR A 411 -4.72 -13.71 -6.93
CA TYR A 411 -5.87 -12.86 -7.19
C TYR A 411 -5.48 -11.97 -8.34
N ASN A 412 -6.40 -11.78 -9.26
CA ASN A 412 -6.13 -11.07 -10.49
C ASN A 412 -6.74 -9.68 -10.31
N TYR A 413 -5.88 -8.73 -9.98
CA TYR A 413 -6.31 -7.35 -9.79
C TYR A 413 -6.58 -6.76 -11.18
N LYS A 414 -7.72 -6.11 -11.32
CA LYS A 414 -8.09 -5.57 -12.62
C LYS A 414 -7.79 -4.08 -12.74
N LYS A 415 -7.76 -3.37 -11.62
CA LYS A 415 -7.55 -1.95 -11.58
C LYS A 415 -6.55 -1.61 -10.48
N PRO A 416 -5.88 -0.47 -10.58
CA PRO A 416 -5.06 -0.01 -9.46
C PRO A 416 -5.96 0.42 -8.32
N ARG A 417 -5.42 0.33 -7.09
CA ARG A 417 -6.10 0.69 -5.85
C ARG A 417 -7.11 -0.36 -5.39
N GLN A 418 -7.07 -1.56 -5.96
CA GLN A 418 -7.72 -2.72 -5.35
C GLN A 418 -6.82 -3.41 -4.33
N TRP A 419 -5.52 -3.31 -4.55
CA TRP A 419 -4.50 -3.99 -3.75
C TRP A 419 -3.98 -2.98 -2.73
N LEU A 420 -4.13 -3.31 -1.44
CA LEU A 420 -3.67 -2.49 -0.32
C LEU A 420 -2.78 -3.36 0.54
N SER A 421 -1.48 -3.15 0.47
CA SER A 421 -0.54 -4.02 1.13
C SER A 421 0.72 -3.24 1.51
N SER A 422 1.29 -3.54 2.67
CA SER A 422 2.51 -2.87 3.14
C SER A 422 3.71 -3.55 2.50
N GLY A 423 4.34 -2.88 1.51
CA GLY A 423 5.44 -3.50 0.79
C GLY A 423 6.87 -3.19 1.25
N GLY A 424 7.20 -1.92 1.49
CA GLY A 424 8.56 -1.59 1.86
C GLY A 424 8.91 -1.81 3.32
N LEU A 425 8.05 -1.33 4.24
CA LEU A 425 8.26 -1.63 5.66
C LEU A 425 7.72 -3.01 6.02
N GLY A 426 6.68 -3.46 5.33
CA GLY A 426 6.09 -4.76 5.59
C GLY A 426 5.58 -4.93 7.01
N ALA A 427 4.62 -4.10 7.39
CA ALA A 427 4.15 -4.01 8.77
C ALA A 427 2.99 -4.99 9.00
N MET A 428 3.21 -5.98 9.85
CA MET A 428 2.10 -6.82 10.29
C MET A 428 1.02 -5.97 10.97
N GLY A 429 -0.23 -6.44 10.90
CA GLY A 429 -1.31 -5.74 11.54
C GLY A 429 -1.91 -4.63 10.72
N PHE A 430 -1.49 -4.49 9.48
CA PHE A 430 -1.96 -3.47 8.55
C PHE A 430 -3.31 -3.82 7.93
N GLY A 431 -3.61 -5.11 7.72
CA GLY A 431 -4.71 -5.49 6.84
C GLY A 431 -6.07 -5.09 7.37
N LEU A 432 -6.37 -5.41 8.63
CA LEU A 432 -7.68 -5.07 9.18
C LEU A 432 -7.91 -3.56 9.23
N PRO A 433 -7.05 -2.75 9.85
CA PRO A 433 -7.28 -1.29 9.78
C PRO A 433 -7.31 -0.76 8.37
N ALA A 434 -6.46 -1.29 7.47
CA ALA A 434 -6.45 -0.73 6.13
C ALA A 434 -7.78 -0.98 5.44
N ALA A 435 -8.37 -2.15 5.67
CA ALA A 435 -9.69 -2.46 5.14
C ALA A 435 -10.74 -1.50 5.70
N ILE A 436 -10.58 -1.06 6.96
CA ILE A 436 -11.49 -0.08 7.53
C ILE A 436 -11.44 1.21 6.74
N GLY A 437 -10.25 1.70 6.45
CA GLY A 437 -10.13 2.94 5.68
C GLY A 437 -10.64 2.77 4.26
N ALA A 438 -10.40 1.60 3.66
CA ALA A 438 -10.84 1.37 2.27
C ALA A 438 -12.35 1.33 2.19
N SER A 439 -12.99 0.71 3.20
CA SER A 439 -14.43 0.62 3.18
C SER A 439 -15.07 1.99 3.42
N VAL A 440 -14.47 2.82 4.27
CA VAL A 440 -14.97 4.17 4.48
C VAL A 440 -14.85 5.00 3.20
N ALA A 441 -13.76 4.84 2.46
CA ALA A 441 -13.59 5.59 1.23
C ALA A 441 -14.40 5.03 0.07
N ASN A 442 -14.74 3.75 0.11
CA ASN A 442 -15.44 3.08 -1.00
C ASN A 442 -16.61 2.30 -0.42
N PRO A 443 -17.63 3.02 0.07
CA PRO A 443 -18.66 2.37 0.89
C PRO A 443 -19.50 1.35 0.14
N ASP A 444 -19.43 1.32 -1.21
CA ASP A 444 -20.16 0.35 -2.00
C ASP A 444 -19.30 -0.82 -2.47
N ALA A 445 -18.02 -0.84 -2.14
CA ALA A 445 -17.13 -1.86 -2.70
C ALA A 445 -17.17 -3.13 -1.85
N ILE A 446 -16.78 -4.23 -2.47
CA ILE A 446 -16.45 -5.41 -1.68
C ILE A 446 -15.05 -5.20 -1.12
N VAL A 447 -14.92 -5.27 0.19
CA VAL A 447 -13.65 -5.06 0.87
C VAL A 447 -13.33 -6.32 1.66
N VAL A 448 -12.21 -6.97 1.31
CA VAL A 448 -11.76 -8.20 1.95
C VAL A 448 -10.35 -8.00 2.47
N ASP A 449 -10.18 -8.21 3.76
CA ASP A 449 -8.86 -8.28 4.38
C ASP A 449 -8.45 -9.74 4.38
N ILE A 450 -7.46 -10.08 3.56
CA ILE A 450 -6.87 -11.42 3.52
C ILE A 450 -5.70 -11.40 4.49
N ASP A 451 -5.85 -12.05 5.63
CA ASP A 451 -4.97 -11.83 6.77
C ASP A 451 -4.37 -13.16 7.23
N GLY A 452 -3.31 -13.07 8.01
CA GLY A 452 -2.71 -14.23 8.65
C GLY A 452 -3.01 -14.17 10.13
N ASP A 453 -2.83 -15.28 10.84
CA ASP A 453 -3.36 -15.29 12.20
C ASP A 453 -2.47 -14.48 13.13
N GLY A 454 -1.19 -14.38 12.81
CA GLY A 454 -0.29 -13.52 13.56
C GLY A 454 -0.53 -12.05 13.27
N SER A 455 -0.65 -11.69 11.96
CA SER A 455 -0.97 -10.30 11.61
C SER A 455 -2.33 -9.88 12.13
N PHE A 456 -3.32 -10.75 12.01
CA PHE A 456 -4.69 -10.39 12.38
C PHE A 456 -4.78 -10.06 13.87
N ILE A 457 -4.06 -10.79 14.73
CA ILE A 457 -4.30 -10.57 16.14
C ILE A 457 -3.68 -9.26 16.60
N MET A 458 -2.69 -8.75 15.85
CA MET A 458 -1.98 -7.54 16.30
C MET A 458 -2.89 -6.34 16.43
N ASN A 459 -3.82 -6.14 15.49
CA ASN A 459 -4.75 -5.02 15.57
C ASN A 459 -6.18 -5.52 15.65
N VAL A 460 -6.37 -6.62 16.38
CA VAL A 460 -7.68 -7.23 16.52
C VAL A 460 -8.67 -6.27 17.18
N GLN A 461 -8.19 -5.34 18.00
CA GLN A 461 -9.11 -4.39 18.63
C GLN A 461 -9.91 -3.59 17.61
N GLU A 462 -9.44 -3.50 16.36
CA GLU A 462 -10.21 -2.74 15.38
C GLU A 462 -11.50 -3.45 14.92
N LEU A 463 -11.71 -4.71 15.33
CA LEU A 463 -13.02 -5.35 15.12
C LEU A 463 -14.14 -4.52 15.72
N ALA A 464 -13.88 -3.92 16.90
CA ALA A 464 -14.85 -3.02 17.53
C ALA A 464 -15.17 -1.83 16.63
N THR A 465 -14.16 -1.24 16.00
CA THR A 465 -14.37 -0.14 15.07
C THR A 465 -15.29 -0.56 13.94
N ILE A 466 -14.97 -1.70 13.32
CA ILE A 466 -15.77 -2.20 12.20
C ILE A 466 -17.24 -2.33 12.59
N ARG A 467 -17.51 -2.84 13.80
CA ARG A 467 -18.88 -3.04 14.25
C ARG A 467 -19.62 -1.71 14.44
N VAL A 468 -19.08 -0.80 15.26
CA VAL A 468 -19.84 0.39 15.57
C VAL A 468 -19.95 1.30 14.37
N GLU A 469 -18.99 1.20 13.43
CA GLU A 469 -19.07 2.00 12.21
C GLU A 469 -19.90 1.33 11.15
N ASN A 470 -20.34 0.10 11.42
CA ASN A 470 -21.25 -0.66 10.58
C ASN A 470 -20.70 -0.74 9.15
N LEU A 471 -19.40 -1.14 9.05
CA LEU A 471 -18.63 -1.29 7.82
C LEU A 471 -18.68 -2.74 7.33
N PRO A 472 -18.92 -2.96 6.07
CA PRO A 472 -19.03 -4.33 5.55
C PRO A 472 -17.68 -4.94 5.21
N VAL A 473 -16.79 -4.99 6.19
CA VAL A 473 -15.45 -5.53 6.00
C VAL A 473 -15.52 -7.05 6.10
N LYS A 474 -15.01 -7.73 5.08
CA LYS A 474 -14.90 -9.18 5.13
C LYS A 474 -13.47 -9.55 5.53
N VAL A 475 -13.33 -10.55 6.38
CA VAL A 475 -12.03 -11.02 6.79
C VAL A 475 -11.86 -12.47 6.33
N LEU A 476 -11.00 -12.69 5.36
CA LEU A 476 -10.55 -14.02 4.97
C LEU A 476 -9.27 -14.32 5.73
N LEU A 477 -9.41 -14.97 6.89
CA LEU A 477 -8.27 -15.27 7.74
C LEU A 477 -7.64 -16.60 7.34
N LEU A 478 -6.48 -16.57 6.68
CA LEU A 478 -5.73 -17.79 6.39
C LEU A 478 -4.95 -18.19 7.65
N ASN A 479 -5.38 -19.25 8.31
CA ASN A 479 -4.90 -19.57 9.65
C ASN A 479 -4.04 -20.82 9.59
N ASN A 480 -2.74 -20.64 9.76
CA ASN A 480 -1.81 -21.77 9.81
C ASN A 480 -1.13 -21.88 11.16
N GLN A 481 -1.64 -21.19 12.19
CA GLN A 481 -1.09 -21.25 13.54
C GLN A 481 0.41 -20.89 13.63
N HIS A 482 1.01 -20.34 12.58
CA HIS A 482 2.42 -19.98 12.63
C HIS A 482 2.63 -18.56 12.12
N LEU A 483 3.82 -18.05 12.41
CA LEU A 483 4.40 -16.93 11.66
C LEU A 483 4.96 -17.57 10.39
N GLY A 484 4.09 -17.67 9.37
CA GLY A 484 4.38 -18.52 8.22
C GLY A 484 5.69 -18.21 7.51
N MET A 485 5.92 -16.94 7.19
N MET A 485 5.92 -16.94 7.19
CA MET A 485 7.11 -16.60 6.41
CA MET A 485 7.10 -16.58 6.41
C MET A 485 8.39 -16.86 7.18
C MET A 485 8.39 -16.85 7.18
N VAL A 486 8.43 -16.53 8.47
CA VAL A 486 9.62 -16.85 9.28
C VAL A 486 9.78 -18.37 9.35
N MET A 487 8.67 -19.09 9.47
CA MET A 487 8.71 -20.55 9.48
C MET A 487 9.32 -21.10 8.19
N GLN A 488 8.90 -20.56 7.03
CA GLN A 488 9.46 -20.99 5.75
C GLN A 488 10.97 -20.81 5.70
N TRP A 489 11.46 -19.68 6.20
CA TRP A 489 12.90 -19.44 6.18
C TRP A 489 13.60 -20.38 7.15
N GLU A 490 12.98 -20.66 8.31
CA GLU A 490 13.52 -21.69 9.20
C GLU A 490 13.66 -23.02 8.48
N ASP A 491 12.63 -23.41 7.71
CA ASP A 491 12.67 -24.66 6.95
C ASP A 491 13.82 -24.66 5.93
N ARG A 492 13.91 -23.62 5.10
N ARG A 492 13.93 -23.61 5.14
CA ARG A 492 14.91 -23.68 4.05
CA ARG A 492 14.93 -23.63 4.04
C ARG A 492 16.32 -23.31 4.52
C ARG A 492 16.34 -23.26 4.48
N PHE A 493 16.51 -22.51 5.55
CA PHE A 493 17.87 -22.05 5.86
C PHE A 493 18.37 -22.38 7.26
N TYR A 494 17.52 -22.97 8.11
CA TYR A 494 17.92 -23.24 9.48
C TYR A 494 17.52 -24.64 9.92
N LYS A 495 17.33 -25.54 8.93
CA LYS A 495 17.10 -26.96 9.19
C LYS A 495 15.80 -27.17 9.99
N ALA A 496 14.79 -26.36 9.69
CA ALA A 496 13.51 -26.38 10.39
C ALA A 496 13.62 -26.23 11.92
N ASN A 497 14.70 -25.66 12.44
CA ASN A 497 14.75 -25.35 13.87
C ASN A 497 13.81 -24.18 14.22
N ARG A 498 12.75 -24.46 14.98
CA ARG A 498 11.74 -23.46 15.29
C ARG A 498 12.22 -22.54 16.41
N ALA A 499 12.20 -21.22 16.15
CA ALA A 499 12.54 -20.22 17.16
C ALA A 499 11.34 -19.27 17.28
N HIS A 500 10.36 -19.68 18.11
CA HIS A 500 9.25 -18.80 18.51
C HIS A 500 8.36 -18.43 17.35
N THR A 501 8.14 -19.36 16.40
CA THR A 501 7.28 -19.09 15.26
C THR A 501 5.89 -19.73 15.38
N PHE A 502 5.67 -20.58 16.39
CA PHE A 502 4.37 -21.21 16.60
C PHE A 502 3.48 -20.30 17.42
N LEU A 503 2.29 -20.01 16.89
CA LEU A 503 1.36 -19.08 17.54
C LEU A 503 0.27 -19.74 18.37
N GLY A 504 0.12 -21.07 18.32
CA GLY A 504 -0.93 -21.75 19.05
C GLY A 504 -0.53 -22.01 20.49
N ASP A 505 -1.33 -22.85 21.17
CA ASP A 505 -1.07 -23.20 22.56
C ASP A 505 -0.32 -24.52 22.61
N PRO A 506 0.95 -24.54 23.03
CA PRO A 506 1.69 -25.82 23.02
C PRO A 506 1.15 -26.84 24.00
N ALA A 507 0.39 -26.39 25.02
CA ALA A 507 -0.24 -27.33 25.95
C ALA A 507 -1.33 -28.17 25.31
N GLN A 508 -1.96 -27.65 24.24
CA GLN A 508 -2.99 -28.36 23.50
C GLN A 508 -2.71 -28.12 22.01
N GLU A 509 -1.59 -28.66 21.52
CA GLU A 509 -1.01 -28.16 20.27
C GLU A 509 -1.85 -28.45 19.03
N ASP A 510 -2.84 -29.35 19.10
CA ASP A 510 -3.67 -29.60 17.93
C ASP A 510 -4.98 -28.85 17.98
N GLU A 511 -5.15 -27.94 18.93
CA GLU A 511 -6.30 -27.06 18.98
C GLU A 511 -5.99 -25.74 18.29
N ILE A 512 -6.95 -25.21 17.53
CA ILE A 512 -6.80 -23.91 16.89
C ILE A 512 -6.82 -22.84 17.98
N PHE A 513 -5.68 -22.18 18.19
CA PHE A 513 -5.53 -21.17 19.24
C PHE A 513 -4.94 -19.88 18.66
N PRO A 514 -5.50 -18.73 18.97
CA PRO A 514 -6.74 -18.57 19.71
C PRO A 514 -7.91 -18.92 18.85
N ASN A 515 -9.09 -18.82 19.42
CA ASN A 515 -10.33 -19.03 18.69
C ASN A 515 -10.80 -17.69 18.15
N MET A 516 -10.40 -17.40 16.92
CA MET A 516 -10.71 -16.09 16.35
C MET A 516 -12.22 -15.86 16.21
N LEU A 517 -13.02 -16.93 16.19
CA LEU A 517 -14.47 -16.72 16.08
C LEU A 517 -14.98 -15.95 17.29
N LEU A 518 -14.41 -16.21 18.47
CA LEU A 518 -14.83 -15.52 19.69
C LEU A 518 -14.38 -14.05 19.71
N PHE A 519 -13.24 -13.71 19.10
CA PHE A 519 -12.90 -12.31 18.87
C PHE A 519 -14.00 -11.62 18.08
N ALA A 520 -14.45 -12.25 16.98
CA ALA A 520 -15.53 -11.67 16.20
C ALA A 520 -16.80 -11.58 17.04
N ALA A 521 -17.12 -12.65 17.79
CA ALA A 521 -18.34 -12.64 18.60
C ALA A 521 -18.29 -11.54 19.63
N ALA A 522 -17.14 -11.36 20.30
CA ALA A 522 -16.96 -10.26 21.25
C ALA A 522 -17.38 -8.91 20.67
N CYS A 523 -17.25 -8.73 19.35
CA CYS A 523 -17.56 -7.46 18.71
C CYS A 523 -18.81 -7.54 17.87
N GLY A 524 -19.61 -8.60 18.06
CA GLY A 524 -20.88 -8.70 17.38
C GLY A 524 -20.73 -8.88 15.90
N ILE A 525 -19.67 -9.54 15.47
CA ILE A 525 -19.41 -9.73 14.05
C ILE A 525 -19.65 -11.19 13.72
N PRO A 526 -20.58 -11.50 12.82
CA PRO A 526 -20.78 -12.88 12.35
C PRO A 526 -19.48 -13.52 11.87
N ALA A 527 -19.35 -14.80 12.17
CA ALA A 527 -18.11 -15.51 11.88
C ALA A 527 -18.40 -17.00 11.71
N ALA A 528 -17.46 -17.68 11.05
CA ALA A 528 -17.51 -19.13 10.83
C ALA A 528 -16.08 -19.62 10.60
N ARG A 529 -15.83 -20.89 10.94
CA ARG A 529 -14.60 -21.58 10.56
C ARG A 529 -14.87 -22.62 9.47
N VAL A 530 -13.92 -22.79 8.55
CA VAL A 530 -13.97 -23.82 7.51
C VAL A 530 -12.65 -24.58 7.49
N THR A 531 -12.72 -25.92 7.42
CA THR A 531 -11.50 -26.73 7.53
C THR A 531 -11.32 -27.66 6.33
N LYS A 532 -12.42 -27.99 5.65
CA LYS A 532 -12.39 -28.95 4.55
C LYS A 532 -12.64 -28.24 3.22
N LYS A 533 -11.74 -28.48 2.27
CA LYS A 533 -11.77 -27.82 0.97
C LYS A 533 -13.14 -27.91 0.31
N ALA A 534 -13.88 -28.99 0.53
CA ALA A 534 -15.19 -29.12 -0.10
C ALA A 534 -16.15 -28.06 0.39
N ASP A 535 -15.96 -27.57 1.63
CA ASP A 535 -16.83 -26.57 2.23
C ASP A 535 -16.43 -25.14 1.91
N LEU A 536 -15.28 -24.95 1.29
CA LEU A 536 -14.73 -23.60 1.03
C LEU A 536 -15.65 -22.72 0.18
N ARG A 537 -16.02 -23.17 -1.01
CA ARG A 537 -16.85 -22.35 -1.92
C ARG A 537 -18.09 -21.81 -1.21
N GLU A 538 -18.81 -22.66 -0.49
CA GLU A 538 -20.03 -22.21 0.21
C GLU A 538 -19.65 -21.23 1.31
N ALA A 539 -18.65 -21.57 2.12
CA ALA A 539 -18.25 -20.70 3.24
C ALA A 539 -17.90 -19.30 2.74
N ILE A 540 -17.14 -19.20 1.66
CA ILE A 540 -16.74 -17.87 1.15
C ILE A 540 -17.98 -17.17 0.60
N GLN A 541 -18.88 -17.90 -0.03
CA GLN A 541 -20.10 -17.25 -0.56
C GLN A 541 -20.94 -16.73 0.60
N THR A 542 -21.00 -17.47 1.70
CA THR A 542 -21.78 -16.98 2.86
C THR A 542 -21.19 -15.67 3.34
N MET A 543 -19.87 -15.63 3.53
CA MET A 543 -19.20 -14.40 3.95
C MET A 543 -19.53 -13.24 3.02
N LEU A 544 -19.44 -13.46 1.71
CA LEU A 544 -19.75 -12.40 0.77
C LEU A 544 -21.23 -12.00 0.85
N ASP A 545 -22.12 -13.00 1.00
CA ASP A 545 -23.54 -12.73 0.84
C ASP A 545 -24.16 -12.17 2.11
N THR A 546 -23.67 -12.60 3.28
CA THR A 546 -24.10 -12.04 4.56
C THR A 546 -23.83 -10.53 4.64
N PRO A 547 -24.84 -9.69 4.82
CA PRO A 547 -24.62 -8.23 4.88
C PRO A 547 -23.80 -7.80 6.08
N GLY A 548 -23.00 -6.76 5.87
CA GLY A 548 -22.15 -6.23 6.91
C GLY A 548 -20.88 -7.02 7.11
N PRO A 549 -20.19 -6.77 8.22
CA PRO A 549 -18.90 -7.42 8.45
C PRO A 549 -19.04 -8.92 8.67
N TYR A 550 -17.95 -9.63 8.40
CA TYR A 550 -17.96 -11.08 8.49
C TYR A 550 -16.53 -11.59 8.57
N LEU A 551 -16.28 -12.53 9.49
CA LEU A 551 -14.99 -13.19 9.62
C LEU A 551 -15.08 -14.68 9.22
N LEU A 552 -14.23 -15.11 8.30
CA LEU A 552 -14.11 -16.51 7.91
C LEU A 552 -12.72 -17.01 8.29
N ASP A 553 -12.67 -17.91 9.27
CA ASP A 553 -11.42 -18.53 9.73
C ASP A 553 -11.15 -19.76 8.84
N VAL A 554 -10.18 -19.67 7.93
CA VAL A 554 -9.84 -20.71 6.97
C VAL A 554 -8.60 -21.46 7.45
N ILE A 555 -8.78 -22.69 7.91
CA ILE A 555 -7.69 -23.47 8.49
C ILE A 555 -6.84 -24.07 7.38
N CYS A 556 -5.52 -23.91 7.48
CA CYS A 556 -4.57 -24.21 6.41
C CYS A 556 -3.40 -25.02 6.96
N PRO A 557 -2.96 -26.01 6.21
CA PRO A 557 -1.75 -26.73 6.63
C PRO A 557 -0.58 -25.76 6.64
N HIS A 558 0.21 -25.83 7.71
CA HIS A 558 1.26 -24.85 7.88
C HIS A 558 2.52 -25.13 7.07
N GLN A 559 2.66 -26.31 6.48
CA GLN A 559 3.89 -26.66 5.77
C GLN A 559 3.96 -26.08 4.37
N GLU A 560 2.94 -25.33 3.91
CA GLU A 560 3.00 -24.64 2.63
C GLU A 560 4.19 -23.67 2.58
N HIS A 561 4.74 -23.50 1.39
CA HIS A 561 5.85 -22.58 1.11
C HIS A 561 5.46 -21.69 -0.05
N VAL A 562 5.87 -20.43 0.01
CA VAL A 562 5.65 -19.54 -1.13
C VAL A 562 6.71 -19.85 -2.16
N LEU A 563 6.29 -20.13 -3.38
CA LEU A 563 7.21 -20.41 -4.48
C LEU A 563 6.68 -19.66 -5.69
N PRO A 564 7.57 -19.27 -6.64
CA PRO A 564 9.02 -19.54 -6.58
C PRO A 564 9.72 -18.64 -5.58
N MET A 565 11.01 -18.82 -5.40
CA MET A 565 11.76 -17.95 -4.50
C MET A 565 13.20 -17.79 -4.96
N ILE A 566 13.59 -16.56 -5.26
CA ILE A 566 15.00 -16.20 -5.44
C ILE A 566 15.55 -15.75 -4.08
N PRO A 567 16.49 -16.47 -3.48
CA PRO A 567 17.05 -16.03 -2.20
C PRO A 567 17.64 -14.64 -2.27
N SER A 568 17.72 -14.00 -1.11
CA SER A 568 18.09 -12.59 -1.05
C SER A 568 19.50 -12.41 -1.58
N GLY A 569 19.65 -11.42 -2.47
CA GLY A 569 20.92 -11.19 -3.09
C GLY A 569 21.26 -12.15 -4.22
N GLY A 570 20.32 -12.98 -4.65
CA GLY A 570 20.60 -13.97 -5.66
C GLY A 570 20.24 -13.50 -7.07
N THR A 571 20.44 -14.41 -8.02
CA THR A 571 20.16 -14.21 -9.43
C THR A 571 19.07 -15.16 -9.89
N PHE A 572 18.55 -14.90 -11.08
CA PHE A 572 17.55 -15.81 -11.67
C PHE A 572 18.00 -17.26 -11.63
N ASN A 573 19.29 -17.52 -11.89
CA ASN A 573 19.77 -18.90 -11.89
CA ASN A 573 19.82 -18.88 -11.87
C ASN A 573 19.70 -19.54 -10.50
N ASP A 574 19.34 -18.78 -9.48
CA ASP A 574 19.22 -19.31 -8.14
C ASP A 574 17.78 -19.63 -7.78
N VAL A 575 16.83 -19.42 -8.71
CA VAL A 575 15.43 -19.52 -8.32
C VAL A 575 15.11 -20.91 -7.78
N ILE A 576 14.36 -20.96 -6.68
CA ILE A 576 13.87 -22.20 -6.08
C ILE A 576 12.44 -22.42 -6.55
N THR A 577 12.15 -23.60 -7.14
CA THR A 577 10.82 -23.87 -7.67
C THR A 577 10.10 -25.03 -6.99
N GLU A 578 10.76 -25.79 -6.13
CA GLU A 578 10.09 -26.89 -5.44
C GLU A 578 10.45 -26.89 -3.97
N GLY A 579 9.54 -27.43 -3.17
CA GLY A 579 9.81 -27.69 -1.77
C GLY A 579 8.73 -27.17 -0.85
N ASP A 580 8.70 -27.70 0.37
CA ASP A 580 7.78 -27.19 1.37
C ASP A 580 8.29 -27.69 2.73
N GLY A 581 7.45 -27.54 3.76
CA GLY A 581 7.90 -27.95 5.07
C GLY A 581 7.69 -29.40 5.41
N ARG A 582 7.36 -30.24 4.44
CA ARG A 582 7.16 -31.66 4.69
C ARG A 582 8.41 -32.45 4.30
#